data_5YVC
#
_entry.id   5YVC
#
_cell.length_a   66.332
_cell.length_b   77.831
_cell.length_c   84.155
_cell.angle_alpha   90.00
_cell.angle_beta   90.00
_cell.angle_gamma   90.00
#
_symmetry.space_group_name_H-M   'P 21 21 21'
#
loop_
_entity.id
_entity.type
_entity.pdbx_description
1 polymer 'Calcium/calmodulin-dependent protein kinase kinase 2'
2 non-polymer '3-{2,4-dimethyl-5-[(Z)-(2-oxo-1,2-dihydro-3H-indol-3-ylidene)methyl]-1H-pyrrol-3-yl}propanoic acid'
3 non-polymer GLYCEROL
4 non-polymer 'TRIETHYLENE GLYCOL'
5 non-polymer 'CHLORIDE ION'
6 water water
#
_entity_poly.entity_id   1
_entity_poly.type   'polypeptide(L)'
_entity_poly.pdbx_seq_one_letter_code
;GSSGSSGDCVQLNQYTLKDEIGKGSYGVVKLAYNENDNTYYAMKVLSKKKLIRQAGFPRRPPPRGTRPAPGGCIQPRGPI
EQVYQEIAILKKLDHPNVVKLVEVLDDPNEDHLYMVFELVNQGPVMEVPTLKPLSEDQARFYFQDLIKGIEYLHYQKIIH
RDIKPSNLLVGEDGHIKIADFGVSNEFKGSDALLSNTVGTPAFMAPESLSETRKIFSGKALDVWAMGVTLYCFVFGQCPF
MDERIM(CAS)LHSKIKSQALEFPDQPDIAEDLKDLITRMLDKNPESRIVVPEIKLHPWVTR
;
_entity_poly.pdbx_strand_id   A
#
# COMPACT_ATOMS: atom_id res chain seq x y z
N VAL A 10 -3.99 21.06 -22.35
CA VAL A 10 -3.86 19.64 -22.67
C VAL A 10 -5.18 18.91 -22.41
N GLN A 11 -5.80 18.41 -23.47
CA GLN A 11 -7.05 17.67 -23.38
C GLN A 11 -6.87 16.24 -23.88
N LEU A 12 -7.70 15.34 -23.34
CA LEU A 12 -7.70 13.91 -23.71
C LEU A 12 -9.16 13.45 -23.64
N ASN A 13 -9.89 13.62 -24.74
CA ASN A 13 -11.33 13.39 -24.80
C ASN A 13 -11.98 14.38 -23.84
N GLN A 14 -12.76 13.94 -22.86
CA GLN A 14 -13.51 14.82 -21.98
C GLN A 14 -12.66 15.38 -20.83
N TYR A 15 -11.40 14.94 -20.72
CA TYR A 15 -10.55 15.27 -19.58
C TYR A 15 -9.56 16.36 -19.93
N THR A 16 -9.40 17.32 -19.03
CA THR A 16 -8.32 18.30 -19.10
C THR A 16 -7.29 17.94 -18.03
N LEU A 17 -6.05 17.70 -18.46
CA LEU A 17 -4.97 17.38 -17.54
C LEU A 17 -4.51 18.63 -16.80
N LYS A 18 -4.35 18.52 -15.49
CA LYS A 18 -3.85 19.63 -14.70
C LYS A 18 -2.54 19.20 -14.02
N ASP A 19 -2.24 19.76 -12.84
CA ASP A 19 -0.92 19.57 -12.25
C ASP A 19 -0.78 18.19 -11.59
N GLU A 20 0.47 17.81 -11.33
CA GLU A 20 0.79 16.49 -10.79
C GLU A 20 0.37 16.38 -9.32
N ILE A 21 -0.01 15.17 -8.93
CA ILE A 21 -0.44 14.93 -7.55
C ILE A 21 0.17 13.65 -6.99
N GLY A 22 1.15 13.07 -7.67
CA GLY A 22 1.78 11.90 -7.11
C GLY A 22 2.48 10.94 -8.04
N LYS A 23 3.62 10.41 -7.59
CA LYS A 23 4.37 9.37 -8.29
C LYS A 23 4.35 8.12 -7.42
N GLY A 24 3.49 7.17 -7.76
CA GLY A 24 3.52 5.88 -7.10
C GLY A 24 4.51 4.96 -7.78
N SER A 25 4.15 3.69 -7.95
CA SER A 25 4.90 2.79 -8.82
C SER A 25 4.24 2.77 -10.19
N TYR A 26 5.08 2.80 -11.23
CA TYR A 26 4.72 2.61 -12.65
C TYR A 26 4.38 3.90 -13.39
N GLY A 27 3.92 4.94 -12.70
CA GLY A 27 3.56 6.12 -13.45
C GLY A 27 3.55 7.41 -12.66
N VAL A 28 2.95 8.43 -13.26
CA VAL A 28 2.68 9.71 -12.61
C VAL A 28 1.18 9.94 -12.63
N VAL A 29 0.69 10.64 -11.62
CA VAL A 29 -0.72 10.94 -11.44
C VAL A 29 -0.93 12.45 -11.57
N LYS A 30 -1.88 12.85 -12.40
CA LYS A 30 -2.25 14.25 -12.54
C LYS A 30 -3.72 14.42 -12.15
N LEU A 31 -4.00 15.53 -11.49
CA LEU A 31 -5.37 15.97 -11.35
C LEU A 31 -5.96 16.19 -12.73
N ALA A 32 -7.22 15.82 -12.90
CA ALA A 32 -7.84 15.92 -14.21
C ALA A 32 -9.27 16.37 -14.03
N TYR A 33 -9.73 17.24 -14.92
CA TYR A 33 -11.07 17.81 -14.89
C TYR A 33 -11.89 17.18 -16.00
N ASN A 34 -12.98 16.54 -15.63
CA ASN A 34 -13.94 16.01 -16.60
C ASN A 34 -14.96 17.09 -16.89
N GLU A 35 -14.94 17.62 -18.11
CA GLU A 35 -15.85 18.71 -18.47
C GLU A 35 -17.30 18.24 -18.64
N ASN A 36 -17.52 16.93 -18.79
CA ASN A 36 -18.88 16.44 -18.98
C ASN A 36 -19.66 16.39 -17.66
N ASP A 37 -18.99 16.19 -16.52
CA ASP A 37 -19.67 16.13 -15.24
C ASP A 37 -19.11 17.09 -14.21
N ASN A 38 -18.26 18.04 -14.63
CA ASN A 38 -17.70 19.07 -13.72
C ASN A 38 -17.08 18.44 -12.48
N THR A 39 -16.38 17.33 -12.68
CA THR A 39 -15.80 16.57 -11.58
C THR A 39 -14.32 16.35 -11.80
N TYR A 40 -13.54 16.47 -10.73
CA TYR A 40 -12.13 16.17 -10.77
C TYR A 40 -11.90 14.68 -10.58
N TYR A 41 -10.86 14.17 -11.23
CA TYR A 41 -10.43 12.80 -11.09
C TYR A 41 -8.92 12.75 -10.92
N ALA A 42 -8.41 11.58 -10.56
CA ALA A 42 -6.98 11.32 -10.57
C ALA A 42 -6.66 10.45 -11.77
N MET A 43 -5.77 10.93 -12.63
CA MET A 43 -5.42 10.23 -13.86
C MET A 43 -3.98 9.76 -13.80
N LYS A 44 -3.79 8.45 -13.87
CA LYS A 44 -2.45 7.85 -13.96
C LYS A 44 -2.04 7.82 -15.42
N VAL A 45 -0.88 8.41 -15.73
CA VAL A 45 -0.38 8.49 -17.09
C VAL A 45 0.82 7.56 -17.23
N LEU A 46 0.77 6.66 -18.20
CA LEU A 46 1.85 5.72 -18.45
C LEU A 46 2.42 5.91 -19.84
N SER A 47 3.75 5.83 -19.94
CA SER A 47 4.47 5.84 -21.21
C SER A 47 5.03 4.44 -21.45
N LYS A 48 4.67 3.83 -22.58
CA LYS A 48 5.07 2.45 -22.84
C LYS A 48 6.58 2.33 -22.95
N LYS A 49 7.17 1.55 -22.05
CA LYS A 49 8.61 1.46 -21.93
C LYS A 49 9.08 0.01 -21.76
N PRO A 79 6.43 -5.77 -20.09
CA PRO A 79 6.33 -4.53 -19.30
C PRO A 79 4.90 -4.02 -19.21
N ILE A 80 4.18 -4.10 -20.34
CA ILE A 80 2.81 -3.63 -20.42
C ILE A 80 1.82 -4.70 -19.99
N GLU A 81 2.22 -5.97 -19.98
CA GLU A 81 1.37 -7.03 -19.45
C GLU A 81 1.01 -6.74 -17.99
N GLN A 82 1.98 -6.31 -17.19
CA GLN A 82 1.72 -6.02 -15.78
C GLN A 82 0.69 -4.91 -15.62
N VAL A 83 0.71 -3.92 -16.52
CA VAL A 83 -0.27 -2.84 -16.44
C VAL A 83 -1.67 -3.36 -16.67
N TYR A 84 -1.85 -4.22 -17.67
CA TYR A 84 -3.19 -4.74 -17.91
C TYR A 84 -3.63 -5.74 -16.85
N GLN A 85 -2.70 -6.35 -16.12
CA GLN A 85 -3.09 -7.15 -14.97
C GLN A 85 -3.51 -6.28 -13.79
N GLU A 86 -2.87 -5.12 -13.60
CA GLU A 86 -3.35 -4.16 -12.61
C GLU A 86 -4.76 -3.68 -12.95
N ILE A 87 -4.98 -3.37 -14.23
CA ILE A 87 -6.31 -2.94 -14.67
C ILE A 87 -7.34 -4.03 -14.40
N ALA A 88 -7.02 -5.27 -14.79
CA ALA A 88 -7.93 -6.38 -14.53
C ALA A 88 -8.21 -6.56 -13.04
N ILE A 89 -7.19 -6.43 -12.21
CA ILE A 89 -7.42 -6.51 -10.76
C ILE A 89 -8.32 -5.36 -10.31
N LEU A 90 -7.99 -4.13 -10.71
CA LEU A 90 -8.76 -2.97 -10.26
C LEU A 90 -10.22 -3.09 -10.63
N LYS A 91 -10.51 -3.64 -11.82
CA LYS A 91 -11.88 -3.80 -12.29
C LYS A 91 -12.71 -4.70 -11.36
N LYS A 92 -12.06 -5.63 -10.66
CA LYS A 92 -12.78 -6.57 -9.81
C LYS A 92 -13.11 -6.00 -8.44
N LEU A 93 -12.57 -4.84 -8.08
CA LEU A 93 -12.56 -4.39 -6.69
C LEU A 93 -13.59 -3.29 -6.47
N ASP A 94 -14.29 -3.35 -5.33
CA ASP A 94 -15.34 -2.38 -5.01
C ASP A 94 -15.53 -2.42 -3.49
N HIS A 95 -14.83 -1.52 -2.80
CA HIS A 95 -14.82 -1.50 -1.35
C HIS A 95 -14.54 -0.07 -0.92
N PRO A 96 -15.12 0.39 0.19
CA PRO A 96 -14.89 1.78 0.61
C PRO A 96 -13.44 2.09 0.95
N ASN A 97 -12.62 1.09 1.25
CA ASN A 97 -11.24 1.36 1.62
C ASN A 97 -10.25 1.00 0.53
N VAL A 98 -10.71 0.99 -0.72
CA VAL A 98 -9.87 0.71 -1.88
C VAL A 98 -10.20 1.74 -2.95
N VAL A 99 -9.17 2.32 -3.57
CA VAL A 99 -9.42 3.33 -4.62
C VAL A 99 -10.21 2.67 -5.75
N LYS A 100 -10.95 3.49 -6.47
CA LYS A 100 -11.90 3.03 -7.47
C LYS A 100 -11.42 3.46 -8.84
N LEU A 101 -11.09 2.48 -9.68
CA LEU A 101 -10.79 2.75 -11.08
C LEU A 101 -12.07 3.05 -11.84
N VAL A 102 -12.10 4.18 -12.53
CA VAL A 102 -13.31 4.68 -13.18
C VAL A 102 -13.38 4.29 -14.65
N GLU A 103 -12.28 4.48 -15.38
CA GLU A 103 -12.23 4.06 -16.77
C GLU A 103 -10.79 4.10 -17.24
N VAL A 104 -10.56 3.46 -18.39
CA VAL A 104 -9.24 3.35 -19.00
C VAL A 104 -9.31 3.90 -20.41
N LEU A 105 -8.35 4.76 -20.75
CA LEU A 105 -8.26 5.36 -22.07
C LEU A 105 -7.02 4.79 -22.75
N ASP A 106 -7.24 3.93 -23.75
CA ASP A 106 -6.15 3.29 -24.48
C ASP A 106 -6.41 3.41 -25.98
N ASP A 107 -5.66 4.30 -26.63
CA ASP A 107 -5.67 4.41 -28.08
C ASP A 107 -4.46 3.66 -28.62
N PRO A 108 -4.63 2.68 -29.51
CA PRO A 108 -3.46 1.93 -30.02
C PRO A 108 -2.47 2.81 -30.78
N ASN A 109 -2.89 3.96 -31.29
CA ASN A 109 -1.99 4.88 -31.97
C ASN A 109 -1.34 5.89 -31.02
N GLU A 110 -1.42 5.67 -29.71
CA GLU A 110 -0.86 6.58 -28.72
C GLU A 110 0.13 5.82 -27.84
N ASP A 111 1.29 6.45 -27.59
CA ASP A 111 2.26 5.89 -26.66
C ASP A 111 1.76 5.94 -25.22
N HIS A 112 0.81 6.80 -24.93
CA HIS A 112 0.35 7.02 -23.57
C HIS A 112 -0.95 6.27 -23.31
N LEU A 113 -1.09 5.76 -22.10
CA LEU A 113 -2.25 5.01 -21.64
C LEU A 113 -2.71 5.61 -20.33
N TYR A 114 -4.02 5.80 -20.18
CA TYR A 114 -4.57 6.57 -19.07
C TYR A 114 -5.49 5.70 -18.24
N MET A 115 -5.25 5.69 -16.93
CA MET A 115 -6.13 5.07 -15.95
C MET A 115 -6.76 6.19 -15.13
N VAL A 116 -8.07 6.31 -15.20
CA VAL A 116 -8.80 7.36 -14.49
C VAL A 116 -9.32 6.77 -13.19
N PHE A 117 -8.92 7.35 -12.07
CA PHE A 117 -9.41 6.93 -10.76
C PHE A 117 -10.31 8.02 -10.17
N GLU A 118 -11.12 7.62 -9.19
CA GLU A 118 -11.85 8.60 -8.40
C GLU A 118 -10.88 9.35 -7.51
N LEU A 119 -11.00 10.67 -7.52
CA LEU A 119 -10.10 11.51 -6.74
C LEU A 119 -10.30 11.26 -5.24
N VAL A 120 -9.19 11.13 -4.53
CA VAL A 120 -9.19 11.02 -3.08
C VAL A 120 -8.63 12.33 -2.55
N ASN A 121 -9.53 13.27 -2.20
CA ASN A 121 -9.17 14.68 -2.16
C ASN A 121 -8.09 15.03 -1.14
N GLN A 122 -7.93 14.26 -0.06
CA GLN A 122 -7.02 14.73 1.00
C GLN A 122 -5.61 14.14 0.92
N GLY A 123 -5.38 13.15 0.07
CA GLY A 123 -4.03 12.69 -0.17
C GLY A 123 -3.49 11.76 0.90
N PRO A 124 -2.20 11.42 0.80
CA PRO A 124 -1.63 10.39 1.68
C PRO A 124 -1.79 10.74 3.14
N VAL A 125 -1.98 9.70 3.95
CA VAL A 125 -2.29 9.87 5.37
C VAL A 125 -1.16 10.61 6.11
N MET A 126 0.08 10.43 5.64
CA MET A 126 1.22 11.09 6.25
C MET A 126 2.40 10.92 5.32
N GLU A 127 3.44 11.69 5.58
CA GLU A 127 4.71 11.64 4.87
C GLU A 127 5.76 10.98 5.76
N VAL A 128 6.59 10.14 5.18
CA VAL A 128 7.62 9.41 5.90
C VAL A 128 8.97 9.74 5.24
N PRO A 129 9.98 10.18 6.02
CA PRO A 129 9.88 10.37 7.47
C PRO A 129 9.22 11.70 7.83
N THR A 130 8.79 11.83 9.08
CA THR A 130 8.28 13.09 9.60
C THR A 130 8.64 13.19 11.08
N LEU A 131 8.83 14.42 11.52
CA LEU A 131 9.00 14.73 12.94
C LEU A 131 7.67 14.79 13.67
N LYS A 132 6.54 14.80 12.96
CA LYS A 132 5.22 14.88 13.60
C LYS A 132 4.41 13.65 13.20
N PRO A 133 4.66 12.51 13.83
CA PRO A 133 3.86 11.32 13.53
C PRO A 133 2.43 11.47 14.01
N LEU A 134 1.59 10.48 13.76
CA LEU A 134 0.22 10.47 14.23
C LEU A 134 0.15 10.14 15.71
N SER A 135 -0.89 10.64 16.38
CA SER A 135 -1.19 10.14 17.70
C SER A 135 -1.64 8.67 17.62
N GLU A 136 -1.53 7.97 18.75
CA GLU A 136 -2.01 6.58 18.80
C GLU A 136 -3.46 6.49 18.36
N ASP A 137 -4.32 7.40 18.84
CA ASP A 137 -5.72 7.34 18.47
C ASP A 137 -5.93 7.59 16.98
N GLN A 138 -5.14 8.48 16.38
CA GLN A 138 -5.21 8.68 14.93
C GLN A 138 -4.71 7.45 14.19
N ALA A 139 -3.60 6.88 14.66
CA ALA A 139 -3.08 5.67 14.05
C ALA A 139 -4.10 4.55 14.09
N ARG A 140 -4.80 4.39 15.21
CA ARG A 140 -5.76 3.30 15.32
C ARG A 140 -6.91 3.49 14.34
N PHE A 141 -7.43 4.73 14.26
CA PHE A 141 -8.49 5.04 13.31
C PHE A 141 -8.13 4.63 11.88
N TYR A 142 -6.94 5.03 11.41
CA TYR A 142 -6.51 4.66 10.07
C TYR A 142 -6.19 3.18 9.97
N PHE A 143 -5.54 2.62 11.00
CA PHE A 143 -5.19 1.21 10.93
C PHE A 143 -6.44 0.33 10.83
N GLN A 144 -7.55 0.76 11.44
CA GLN A 144 -8.79 0.01 11.32
C GLN A 144 -9.26 -0.02 9.86
N ASP A 145 -9.14 1.10 9.16
CA ASP A 145 -9.49 1.10 7.74
C ASP A 145 -8.55 0.22 6.96
N LEU A 146 -7.25 0.26 7.29
CA LEU A 146 -6.30 -0.60 6.60
C LEU A 146 -6.64 -2.07 6.79
N ILE A 147 -6.99 -2.47 8.02
CA ILE A 147 -7.41 -3.85 8.27
C ILE A 147 -8.58 -4.23 7.35
N LYS A 148 -9.62 -3.40 7.31
CA LYS A 148 -10.80 -3.75 6.51
C LYS A 148 -10.45 -3.85 5.04
N GLY A 149 -9.61 -2.94 4.53
CA GLY A 149 -9.25 -3.01 3.12
C GLY A 149 -8.40 -4.23 2.78
N ILE A 150 -7.43 -4.55 3.64
CA ILE A 150 -6.58 -5.71 3.39
C ILE A 150 -7.38 -7.00 3.47
N GLU A 151 -8.25 -7.11 4.47
CA GLU A 151 -9.09 -8.29 4.61
C GLU A 151 -9.93 -8.49 3.35
N TYR A 152 -10.46 -7.39 2.81
CA TYR A 152 -11.24 -7.47 1.58
C TYR A 152 -10.36 -7.89 0.40
N LEU A 153 -9.19 -7.27 0.24
CA LEU A 153 -8.29 -7.65 -0.84
C LEU A 153 -7.94 -9.13 -0.78
N HIS A 154 -7.57 -9.60 0.41
CA HIS A 154 -7.19 -11.01 0.55
C HIS A 154 -8.37 -11.91 0.28
N TYR A 155 -9.55 -11.51 0.74
CA TYR A 155 -10.75 -12.30 0.44
C TYR A 155 -10.99 -12.35 -1.07
N GLN A 156 -10.73 -11.24 -1.77
CA GLN A 156 -10.78 -11.18 -3.21
C GLN A 156 -9.57 -11.84 -3.89
N LYS A 157 -8.68 -12.46 -3.11
CA LYS A 157 -7.51 -13.19 -3.61
C LYS A 157 -6.49 -12.27 -4.29
N ILE A 158 -6.26 -11.12 -3.69
CA ILE A 158 -5.31 -10.11 -4.16
C ILE A 158 -4.29 -9.89 -3.05
N ILE A 159 -3.01 -10.00 -3.36
CA ILE A 159 -1.94 -9.56 -2.47
C ILE A 159 -1.48 -8.19 -2.95
N HIS A 160 -1.49 -7.19 -2.05
CA HIS A 160 -1.24 -5.82 -2.51
C HIS A 160 0.24 -5.61 -2.86
N ARG A 161 1.14 -6.01 -1.96
CA ARG A 161 2.60 -5.99 -2.12
C ARG A 161 3.22 -4.60 -2.07
N ASP A 162 2.45 -3.53 -1.87
CA ASP A 162 3.08 -2.23 -1.70
C ASP A 162 2.34 -1.38 -0.69
N ILE A 163 1.96 -2.00 0.44
CA ILE A 163 1.34 -1.26 1.53
C ILE A 163 2.37 -0.36 2.21
N LYS A 164 2.06 0.92 2.32
CA LYS A 164 2.88 1.91 2.98
C LYS A 164 2.06 3.21 3.10
N PRO A 165 2.42 4.11 4.03
CA PRO A 165 1.57 5.30 4.26
C PRO A 165 1.30 6.11 3.01
N SER A 166 2.28 6.24 2.10
CA SER A 166 2.06 7.07 0.93
C SER A 166 1.06 6.44 -0.05
N ASN A 167 0.75 5.16 0.10
CA ASN A 167 -0.29 4.52 -0.70
C ASN A 167 -1.62 4.42 0.05
N LEU A 168 -1.77 5.13 1.16
CA LEU A 168 -3.00 5.17 1.95
C LEU A 168 -3.56 6.58 1.84
N LEU A 169 -4.59 6.76 1.03
CA LEU A 169 -5.13 8.07 0.71
C LEU A 169 -6.33 8.38 1.57
N VAL A 170 -6.40 9.61 2.07
CA VAL A 170 -7.47 10.03 2.97
C VAL A 170 -8.60 10.64 2.15
N GLY A 171 -9.78 10.08 2.28
CA GLY A 171 -10.90 10.45 1.46
C GLY A 171 -11.65 11.63 2.04
N GLU A 172 -12.77 11.94 1.39
CA GLU A 172 -13.56 13.11 1.77
C GLU A 172 -14.05 13.00 3.21
N ASP A 173 -14.38 11.80 3.66
CA ASP A 173 -14.93 11.55 5.00
C ASP A 173 -13.85 11.20 6.03
N GLY A 174 -12.58 11.36 5.71
CA GLY A 174 -11.52 11.09 6.67
C GLY A 174 -10.98 9.67 6.68
N HIS A 175 -11.58 8.75 5.93
CA HIS A 175 -11.18 7.34 5.94
C HIS A 175 -10.20 7.03 4.82
N ILE A 176 -9.39 5.98 5.04
CA ILE A 176 -8.32 5.58 4.14
C ILE A 176 -8.89 4.85 2.94
N LYS A 177 -8.29 5.08 1.77
CA LYS A 177 -8.45 4.22 0.60
C LYS A 177 -7.08 3.73 0.16
N ILE A 178 -6.95 2.41 0.04
CA ILE A 178 -5.70 1.78 -0.40
C ILE A 178 -5.51 2.02 -1.89
N ALA A 179 -4.33 2.51 -2.27
CA ALA A 179 -4.03 2.85 -3.65
C ALA A 179 -2.83 2.07 -4.17
N ASP A 180 -2.63 2.16 -5.48
CA ASP A 180 -1.42 1.71 -6.17
C ASP A 180 -1.29 0.20 -6.15
N PHE A 181 -1.98 -0.44 -7.08
CA PHE A 181 -1.94 -1.89 -7.28
C PHE A 181 -0.94 -2.28 -8.36
N GLY A 182 0.10 -1.46 -8.56
CA GLY A 182 1.02 -1.64 -9.68
C GLY A 182 1.80 -2.94 -9.64
N VAL A 183 2.04 -3.50 -8.45
CA VAL A 183 2.78 -4.75 -8.35
C VAL A 183 1.99 -5.81 -7.59
N SER A 184 0.67 -5.62 -7.46
CA SER A 184 -0.18 -6.57 -6.77
C SER A 184 -0.26 -7.91 -7.52
N ASN A 185 -0.62 -8.95 -6.77
CA ASN A 185 -0.72 -10.31 -7.29
C ASN A 185 -2.10 -10.88 -7.02
N GLU A 186 -2.64 -11.57 -8.01
CA GLU A 186 -3.85 -12.35 -7.85
C GLU A 186 -3.47 -13.83 -7.75
N PHE A 187 -4.11 -14.56 -6.85
CA PHE A 187 -3.82 -15.98 -6.67
C PHE A 187 -5.09 -16.80 -6.73
N LYS A 188 -4.90 -18.11 -6.89
CA LYS A 188 -5.95 -19.10 -6.74
C LYS A 188 -5.65 -19.92 -5.50
N GLY A 189 -6.69 -20.50 -4.93
CA GLY A 189 -6.49 -21.24 -3.70
C GLY A 189 -6.46 -20.34 -2.48
N SER A 190 -5.82 -20.86 -1.44
CA SER A 190 -5.89 -20.27 -0.11
C SER A 190 -4.94 -19.08 0.08
N ASP A 191 -3.86 -19.00 -0.70
CA ASP A 191 -2.84 -17.98 -0.51
C ASP A 191 -2.00 -17.95 -1.77
N ALA A 192 -1.31 -16.84 -1.99
CA ALA A 192 -0.35 -16.79 -3.07
C ALA A 192 0.96 -17.47 -2.67
N LEU A 193 1.58 -18.14 -3.62
CA LEU A 193 2.91 -18.75 -3.45
C LEU A 193 3.83 -18.04 -4.43
N LEU A 194 4.71 -17.19 -3.91
CA LEU A 194 5.42 -16.21 -4.70
C LEU A 194 6.93 -16.41 -4.59
N SER A 195 7.66 -15.91 -5.58
CA SER A 195 9.11 -15.96 -5.53
C SER A 195 9.79 -14.69 -6.03
N ASN A 196 9.05 -13.67 -6.41
CA ASN A 196 9.64 -12.47 -6.97
C ASN A 196 9.69 -11.37 -5.90
N THR A 197 10.70 -10.51 -6.01
CA THR A 197 10.91 -9.43 -5.05
C THR A 197 10.45 -8.13 -5.70
N VAL A 198 9.36 -7.54 -5.19
CA VAL A 198 8.82 -6.28 -5.69
C VAL A 198 8.34 -5.48 -4.49
N GLY A 199 8.02 -4.22 -4.73
CA GLY A 199 7.51 -3.35 -3.68
C GLY A 199 8.48 -2.26 -3.33
N THR A 200 8.30 -1.68 -2.14
CA THR A 200 9.18 -0.62 -1.65
C THR A 200 10.18 -1.21 -0.66
N PRO A 201 11.49 -1.06 -0.88
CA PRO A 201 12.48 -1.80 -0.07
C PRO A 201 12.26 -1.76 1.44
N ALA A 202 12.03 -0.57 2.01
CA ALA A 202 11.89 -0.52 3.46
C ALA A 202 10.68 -1.28 3.96
N PHE A 203 9.74 -1.66 3.09
CA PHE A 203 8.54 -2.37 3.53
C PHE A 203 8.54 -3.84 3.15
N MET A 204 9.60 -4.33 2.50
CA MET A 204 9.64 -5.72 2.06
C MET A 204 9.89 -6.66 3.22
N ALA A 205 9.14 -7.77 3.23
CA ALA A 205 9.27 -8.76 4.29
C ALA A 205 10.57 -9.55 4.13
N PRO A 206 11.20 -9.95 5.23
CA PRO A 206 12.51 -10.60 5.12
C PRO A 206 12.49 -11.89 4.33
N GLU A 207 11.37 -12.62 4.31
CA GLU A 207 11.35 -13.87 3.56
C GLU A 207 11.31 -13.64 2.05
N SER A 208 11.06 -12.42 1.59
CA SER A 208 11.14 -12.09 0.18
C SER A 208 12.55 -11.68 -0.24
N LEU A 209 13.50 -11.67 0.70
CA LEU A 209 14.85 -11.18 0.46
C LEU A 209 15.91 -12.28 0.48
N SER A 210 15.50 -13.53 0.29
CA SER A 210 16.49 -14.60 0.21
C SER A 210 17.33 -14.46 -1.06
N GLU A 211 18.59 -14.84 -0.97
CA GLU A 211 19.38 -14.80 -2.20
C GLU A 211 19.25 -16.09 -3.01
N THR A 212 18.07 -16.72 -3.00
CA THR A 212 17.93 -18.04 -3.62
C THR A 212 16.57 -18.31 -4.24
N ARG A 213 15.76 -17.29 -4.56
CA ARG A 213 14.47 -17.47 -5.24
C ARG A 213 13.59 -18.53 -4.56
N LYS A 214 13.62 -18.54 -3.23
CA LYS A 214 12.74 -19.42 -2.47
C LYS A 214 11.29 -18.99 -2.62
N ILE A 215 10.39 -19.95 -2.44
CA ILE A 215 8.95 -19.67 -2.46
C ILE A 215 8.51 -19.18 -1.09
N PHE A 216 7.76 -18.08 -1.06
CA PHE A 216 7.18 -17.58 0.16
C PHE A 216 5.71 -17.26 -0.08
N SER A 217 4.94 -17.17 1.00
CA SER A 217 3.50 -16.98 0.88
C SER A 217 3.14 -15.51 0.87
N GLY A 218 1.96 -15.20 0.32
CA GLY A 218 1.63 -13.82 0.01
C GLY A 218 0.97 -13.02 1.13
N LYS A 219 -0.05 -13.58 1.80
CA LYS A 219 -0.77 -12.77 2.79
C LYS A 219 0.17 -12.26 3.85
N ALA A 220 1.13 -13.08 4.30
CA ALA A 220 2.04 -12.63 5.34
C ALA A 220 2.91 -11.47 4.87
N LEU A 221 3.15 -11.32 3.55
CA LEU A 221 3.89 -10.15 3.07
C LEU A 221 3.13 -8.87 3.36
N ASP A 222 1.84 -8.86 3.06
CA ASP A 222 1.04 -7.67 3.36
C ASP A 222 1.01 -7.39 4.86
N VAL A 223 0.94 -8.45 5.69
CA VAL A 223 0.94 -8.21 7.15
C VAL A 223 2.22 -7.52 7.58
N TRP A 224 3.37 -8.02 7.11
CA TRP A 224 4.64 -7.37 7.42
C TRP A 224 4.61 -5.89 7.02
N ALA A 225 4.17 -5.59 5.78
CA ALA A 225 4.13 -4.20 5.35
C ALA A 225 3.15 -3.39 6.18
N MET A 226 2.04 -4.00 6.62
CA MET A 226 1.12 -3.34 7.54
C MET A 226 1.83 -3.02 8.87
N GLY A 227 2.71 -3.91 9.33
CA GLY A 227 3.43 -3.64 10.57
C GLY A 227 4.44 -2.51 10.41
N VAL A 228 5.15 -2.49 9.28
CA VAL A 228 6.05 -1.37 9.02
C VAL A 228 5.25 -0.07 8.94
N THR A 229 4.07 -0.14 8.32
CA THR A 229 3.20 1.02 8.17
C THR A 229 2.75 1.53 9.54
N LEU A 230 2.30 0.63 10.43
CA LEU A 230 1.83 1.06 11.74
C LEU A 230 2.97 1.65 12.56
N TYR A 231 4.16 1.03 12.48
CA TYR A 231 5.34 1.62 13.11
C TYR A 231 5.56 3.04 12.59
N CYS A 232 5.45 3.23 11.27
CA CYS A 232 5.60 4.57 10.69
C CYS A 232 4.56 5.54 11.24
N PHE A 233 3.30 5.09 11.37
CA PHE A 233 2.23 5.96 11.88
C PHE A 233 2.63 6.66 13.17
N VAL A 234 3.18 5.90 14.14
CA VAL A 234 3.40 6.47 15.47
C VAL A 234 4.84 6.94 15.70
N PHE A 235 5.80 6.46 14.91
CA PHE A 235 7.18 6.94 15.09
C PHE A 235 7.65 7.87 13.99
N GLY A 236 6.99 7.88 12.83
CA GLY A 236 7.35 8.81 11.80
C GLY A 236 8.58 8.43 11.01
N GLN A 237 9.11 7.23 11.22
CA GLN A 237 10.16 6.69 10.37
C GLN A 237 10.03 5.18 10.33
N CYS A 238 10.70 4.54 9.37
CA CYS A 238 10.63 3.09 9.25
C CYS A 238 11.46 2.42 10.34
N PRO A 239 11.10 1.19 10.72
CA PRO A 239 11.85 0.50 11.78
C PRO A 239 13.22 0.04 11.34
N PHE A 240 13.41 -0.22 10.05
CA PHE A 240 14.71 -0.65 9.53
C PHE A 240 15.11 0.34 8.46
N MET A 241 16.27 0.97 8.64
CA MET A 241 16.70 2.04 7.74
C MET A 241 18.19 1.91 7.43
N ASP A 242 18.52 2.06 6.16
CA ASP A 242 19.91 2.22 5.74
C ASP A 242 19.92 2.72 4.32
N GLU A 243 20.77 3.72 4.05
CA GLU A 243 20.97 4.18 2.69
C GLU A 243 21.65 3.13 1.82
N ARG A 244 22.31 2.14 2.41
CA ARG A 244 23.01 1.12 1.65
C ARG A 244 22.07 -0.07 1.51
N ILE A 245 21.68 -0.40 0.28
CA ILE A 245 20.58 -1.36 0.09
C ILE A 245 20.97 -2.72 0.66
N MET A 246 22.24 -3.08 0.59
CA MET A 246 22.65 -4.36 1.16
C MET A 246 22.44 -4.37 2.68
N LEU A 248 20.33 -2.51 4.30
CA LEU A 248 18.89 -2.44 4.57
C LEU A 248 18.28 -3.82 4.52
N HIS A 249 18.61 -4.58 3.47
CA HIS A 249 18.20 -5.98 3.41
C HIS A 249 18.67 -6.74 4.65
N SER A 250 19.93 -6.53 5.03
CA SER A 250 20.47 -7.28 6.16
C SER A 250 19.75 -6.92 7.46
N LYS A 251 19.31 -5.66 7.61
CA LYS A 251 18.63 -5.28 8.84
C LYS A 251 17.20 -5.83 8.87
N ILE A 252 16.49 -5.75 7.75
CA ILE A 252 15.16 -6.35 7.65
C ILE A 252 15.23 -7.83 8.02
N LYS A 253 16.25 -8.53 7.51
CA LYS A 253 16.35 -9.96 7.74
C LYS A 253 16.87 -10.31 9.12
N SER A 254 17.76 -9.49 9.73
CA SER A 254 18.48 -9.96 10.90
C SER A 254 18.56 -9.00 12.08
N GLN A 255 18.10 -7.76 11.95
CA GLN A 255 18.21 -6.83 13.06
C GLN A 255 16.94 -6.90 13.88
N ALA A 256 17.09 -7.12 15.19
CA ALA A 256 15.92 -7.19 16.04
C ALA A 256 15.23 -5.83 16.08
N LEU A 257 13.90 -5.87 16.08
CA LEU A 257 13.09 -4.65 16.16
C LEU A 257 13.41 -3.90 17.44
N GLU A 258 13.59 -2.58 17.32
CA GLU A 258 13.86 -1.70 18.44
C GLU A 258 12.84 -0.57 18.45
N PHE A 259 12.25 -0.31 19.61
CA PHE A 259 11.39 0.87 19.69
C PHE A 259 12.16 2.04 20.28
N PRO A 260 12.01 3.23 19.71
CA PRO A 260 12.63 4.42 20.31
C PRO A 260 12.08 4.70 21.71
N ASP A 261 12.88 5.39 22.51
CA ASP A 261 12.39 5.83 23.83
C ASP A 261 11.19 6.75 23.68
N GLN A 262 11.22 7.63 22.69
CA GLN A 262 10.19 8.61 22.47
C GLN A 262 9.73 8.57 21.02
N PRO A 263 8.43 8.72 20.76
CA PRO A 263 7.35 8.85 21.74
C PRO A 263 7.06 7.55 22.47
N ASP A 264 6.52 7.67 23.67
CA ASP A 264 6.25 6.53 24.55
C ASP A 264 4.91 5.93 24.15
N ILE A 265 4.92 4.74 23.57
CA ILE A 265 3.68 4.15 23.10
C ILE A 265 3.24 3.03 24.04
N ALA A 266 1.94 2.73 24.00
CA ALA A 266 1.38 1.71 24.88
C ALA A 266 2.00 0.34 24.63
N GLU A 267 1.97 -0.49 25.67
CA GLU A 267 2.59 -1.81 25.58
C GLU A 267 1.82 -2.72 24.62
N ASP A 268 0.48 -2.60 24.59
CA ASP A 268 -0.26 -3.45 23.67
C ASP A 268 0.01 -3.06 22.21
N LEU A 269 0.24 -1.77 21.93
CA LEU A 269 0.65 -1.41 20.58
C LEU A 269 2.03 -2.00 20.24
N LYS A 270 2.97 -1.96 21.19
CA LYS A 270 4.26 -2.59 20.98
C LYS A 270 4.10 -4.08 20.71
N ASP A 271 3.18 -4.73 21.43
CA ASP A 271 2.92 -6.15 21.21
C ASP A 271 2.44 -6.38 19.78
N LEU A 272 1.45 -5.60 19.34
CA LEU A 272 0.90 -5.75 18.00
C LEU A 272 1.97 -5.54 16.94
N ILE A 273 2.76 -4.46 17.06
CA ILE A 273 3.79 -4.20 16.05
C ILE A 273 4.81 -5.34 16.04
N THR A 274 5.26 -5.74 17.22
CA THR A 274 6.19 -6.86 17.32
C THR A 274 5.67 -8.10 16.60
N ARG A 275 4.37 -8.40 16.77
CA ARG A 275 3.79 -9.61 16.17
C ARG A 275 3.71 -9.50 14.66
N MET A 276 3.44 -8.29 14.15
CA MET A 276 3.39 -8.13 12.70
C MET A 276 4.79 -8.15 12.10
N LEU A 277 5.79 -7.70 12.85
CA LEU A 277 7.18 -7.70 12.40
C LEU A 277 7.96 -8.93 12.89
N ASP A 278 7.24 -10.02 13.15
CA ASP A 278 7.86 -11.33 13.30
C ASP A 278 8.61 -11.70 12.02
N LYS A 279 9.93 -11.91 12.12
CA LYS A 279 10.69 -12.28 10.92
C LYS A 279 10.30 -13.64 10.38
N ASN A 280 9.72 -14.51 11.20
CA ASN A 280 9.27 -15.81 10.73
C ASN A 280 7.84 -15.69 10.21
N PRO A 281 7.60 -15.86 8.91
CA PRO A 281 6.24 -15.70 8.40
C PRO A 281 5.28 -16.72 8.92
N GLU A 282 5.76 -17.86 9.40
CA GLU A 282 4.83 -18.89 9.88
C GLU A 282 4.29 -18.57 11.27
N SER A 283 5.04 -17.84 12.10
CA SER A 283 4.50 -17.44 13.40
C SER A 283 3.98 -16.00 13.40
N ARG A 284 4.18 -15.27 12.31
CA ARG A 284 3.70 -13.88 12.26
C ARG A 284 2.18 -13.86 12.45
N ILE A 285 1.69 -12.82 13.14
CA ILE A 285 0.25 -12.71 13.37
C ILE A 285 -0.48 -12.64 12.03
N VAL A 286 -1.71 -13.18 11.99
CA VAL A 286 -2.49 -13.17 10.77
C VAL A 286 -3.61 -12.13 10.92
N VAL A 287 -4.18 -11.74 9.77
CA VAL A 287 -5.21 -10.69 9.78
C VAL A 287 -6.40 -11.03 10.66
N PRO A 288 -6.93 -12.26 10.68
CA PRO A 288 -8.04 -12.56 11.62
C PRO A 288 -7.65 -12.35 13.08
N GLU A 289 -6.37 -12.46 13.43
CA GLU A 289 -5.90 -12.14 14.78
C GLU A 289 -5.70 -10.63 14.96
N ILE A 290 -5.14 -9.94 13.96
CA ILE A 290 -4.96 -8.49 14.07
C ILE A 290 -6.28 -7.82 14.39
N LYS A 291 -7.36 -8.26 13.72
CA LYS A 291 -8.71 -7.74 13.95
C LYS A 291 -9.10 -7.79 15.40
N LEU A 292 -8.61 -8.79 16.14
CA LEU A 292 -8.99 -9.04 17.52
C LEU A 292 -8.02 -8.44 18.52
N HIS A 293 -6.90 -7.88 18.05
CA HIS A 293 -5.84 -7.48 18.96
C HIS A 293 -6.34 -6.41 19.92
N PRO A 294 -6.05 -6.52 21.21
CA PRO A 294 -6.57 -5.56 22.19
C PRO A 294 -6.29 -4.10 21.83
N TRP A 295 -5.15 -3.80 21.21
CA TRP A 295 -4.90 -2.40 20.85
C TRP A 295 -5.87 -1.94 19.76
N VAL A 296 -6.21 -2.85 18.85
CA VAL A 296 -7.09 -2.52 17.74
C VAL A 296 -8.50 -2.28 18.26
N THR A 297 -8.95 -3.04 19.25
CA THR A 297 -10.37 -3.05 19.62
C THR A 297 -10.72 -2.10 20.76
N ARG A 298 -9.75 -1.43 21.37
CA ARG A 298 -10.08 -0.50 22.45
C ARG A 298 -10.20 0.93 21.94
#